data_3WOH
#
_entry.id   3WOH
#
_cell.length_a   56.425
_cell.length_b   56.425
_cell.length_c   122.838
_cell.angle_alpha   90.00
_cell.angle_beta   90.00
_cell.angle_gamma   90.00
#
_symmetry.space_group_name_H-M   'P 42 21 2'
#
loop_
_entity.id
_entity.type
_entity.pdbx_description
1 polymer SiaM
2 water water
#
_entity_poly.entity_id   1
_entity_poly.type   'polypeptide(L)'
_entity_poly.pdbx_seq_one_letter_code
;GSMTGPGALSGKVALVTGGSRGLGRAMALRLARDGAAVAIVYVSDDSSAKETQGEIERLGGTARSYRCDVSDAEQVTRCV
KAVTADLGPVDILVNNAGIIRDGLAASIKDEDYDAVMNTNLKGAFLFIKACYFGFIRKRSGSIINISSVSGVFGSAGQAN
YASAKAGLIGLTKSIAKELAERNVRCNAVAPGLIATDMTQDLVDDSKRLDPVPMRRFGRPDEVAGLVAFLAGDESSYITG
QVVCVDGGMAM
;
_entity_poly.pdbx_strand_id   A
#
# COMPACT_ATOMS: atom_id res chain seq x y z
N GLY A 7 -10.52 -15.50 9.64
CA GLY A 7 -9.77 -16.74 9.56
C GLY A 7 -9.64 -17.21 8.11
N ALA A 8 -9.01 -16.38 7.28
CA ALA A 8 -8.82 -16.67 5.86
C ALA A 8 -7.39 -16.30 5.42
N LEU A 9 -6.70 -15.57 6.29
CA LEU A 9 -5.28 -15.27 6.13
C LEU A 9 -4.36 -16.23 6.89
N SER A 10 -4.94 -17.09 7.73
CA SER A 10 -4.20 -18.12 8.46
C SER A 10 -3.01 -17.63 9.32
N GLY A 11 -3.20 -16.55 10.07
CA GLY A 11 -2.14 -15.99 10.88
C GLY A 11 -0.87 -15.57 10.15
N LYS A 12 -0.96 -15.26 8.86
CA LYS A 12 0.20 -14.71 8.14
C LYS A 12 0.45 -13.27 8.56
N VAL A 13 1.57 -12.71 8.11
CA VAL A 13 1.99 -11.38 8.55
C VAL A 13 1.91 -10.36 7.42
N ALA A 14 1.16 -9.29 7.66
CA ALA A 14 1.03 -8.22 6.68
C ALA A 14 1.66 -6.93 7.18
N LEU A 15 2.39 -6.27 6.29
CA LEU A 15 3.02 -4.99 6.61
C LEU A 15 2.41 -3.89 5.76
N VAL A 16 1.69 -2.98 6.40
CA VAL A 16 1.00 -1.90 5.71
C VAL A 16 1.64 -0.54 6.03
N THR A 17 2.46 -0.04 5.11
CA THR A 17 3.02 1.29 5.28
C THR A 17 1.91 2.30 5.06
N GLY A 18 1.98 3.44 5.74
CA GLY A 18 0.90 4.41 5.71
C GLY A 18 -0.46 3.85 6.10
N GLY A 19 -0.46 2.94 7.09
CA GLY A 19 -1.68 2.31 7.57
C GLY A 19 -2.26 3.07 8.75
N SER A 20 -1.62 4.19 9.06
CA SER A 20 -2.04 5.16 10.06
C SER A 20 -3.55 5.43 10.07
N ARG A 21 -4.07 5.69 8.88
CA ARG A 21 -5.30 6.45 8.67
C ARG A 21 -5.93 6.20 7.30
N GLY A 22 -7.20 6.54 7.15
CA GLY A 22 -7.88 6.47 5.86
C GLY A 22 -7.84 5.13 5.17
N LEU A 23 -7.38 5.13 3.91
CA LEU A 23 -7.31 3.91 3.11
C LEU A 23 -6.45 2.83 3.76
N GLY A 24 -5.26 3.22 4.22
CA GLY A 24 -4.36 2.31 4.90
C GLY A 24 -4.99 1.69 6.12
N ARG A 25 -5.74 2.50 6.87
CA ARG A 25 -6.45 2.02 8.06
C ARG A 25 -7.51 0.98 7.69
N ALA A 26 -8.28 1.26 6.64
CA ALA A 26 -9.26 0.28 6.18
C ALA A 26 -8.55 -1.02 5.76
N MET A 27 -7.41 -0.89 5.09
CA MET A 27 -6.64 -2.06 4.67
C MET A 27 -6.15 -2.89 5.86
N ALA A 28 -5.60 -2.21 6.87
CA ALA A 28 -5.06 -2.88 8.04
C ALA A 28 -6.18 -3.60 8.79
N LEU A 29 -7.29 -2.89 8.98
CA LEU A 29 -8.48 -3.46 9.61
C LEU A 29 -8.98 -4.72 8.87
N ARG A 30 -9.10 -4.59 7.56
CA ARG A 30 -9.60 -5.69 6.73
C ARG A 30 -8.67 -6.89 6.77
N LEU A 31 -7.38 -6.64 6.53
CA LEU A 31 -6.39 -7.70 6.54
C LEU A 31 -6.40 -8.45 7.87
N ALA A 32 -6.53 -7.68 8.95
CA ALA A 32 -6.58 -8.28 10.28
C ALA A 32 -7.82 -9.15 10.46
N ARG A 33 -8.97 -8.66 9.97
CA ARG A 33 -10.21 -9.40 10.12
C ARG A 33 -10.23 -10.70 9.30
N ASP A 34 -9.36 -10.81 8.31
CA ASP A 34 -9.23 -12.05 7.55
C ASP A 34 -8.18 -12.96 8.19
N GLY A 35 -7.71 -12.56 9.37
CA GLY A 35 -6.86 -13.42 10.18
C GLY A 35 -5.37 -13.24 10.01
N ALA A 36 -4.94 -11.98 9.83
CA ALA A 36 -3.52 -11.70 9.64
C ALA A 36 -2.99 -10.75 10.70
N ALA A 37 -1.81 -11.06 11.22
CA ALA A 37 -1.10 -10.13 12.10
C ALA A 37 -0.61 -8.93 11.29
N VAL A 38 -1.10 -7.74 11.65
CA VAL A 38 -0.80 -6.54 10.87
C VAL A 38 0.18 -5.61 11.57
N ALA A 39 1.23 -5.22 10.84
CA ALA A 39 2.16 -4.21 11.32
C ALA A 39 1.81 -2.86 10.71
N ILE A 40 1.48 -1.89 11.56
CA ILE A 40 1.07 -0.57 11.08
C ILE A 40 2.24 0.42 11.08
N VAL A 41 2.79 0.67 9.90
CA VAL A 41 3.93 1.56 9.73
C VAL A 41 3.43 2.94 9.29
N TYR A 42 3.96 4.01 9.88
CA TYR A 42 3.39 5.35 9.69
C TYR A 42 4.41 6.47 9.90
N VAL A 43 4.07 7.71 9.59
CA VAL A 43 5.02 8.82 9.70
C VAL A 43 5.51 9.13 11.12
N SER A 44 4.60 9.28 12.06
CA SER A 44 3.18 9.43 11.78
C SER A 44 2.63 9.92 13.08
N ASP A 45 1.39 10.40 13.10
CA ASP A 45 0.75 10.64 14.37
C ASP A 45 0.61 9.25 14.98
N ASP A 46 1.05 9.08 16.23
CA ASP A 46 1.01 7.76 16.84
C ASP A 46 -0.40 7.44 17.32
N SER A 47 -1.16 8.50 17.61
CA SER A 47 -2.52 8.38 18.12
C SER A 47 -3.42 7.54 17.21
N SER A 48 -3.51 7.93 15.94
CA SER A 48 -4.33 7.20 14.96
C SER A 48 -3.84 5.79 14.75
N ALA A 49 -2.52 5.59 14.76
CA ALA A 49 -1.93 4.27 14.56
C ALA A 49 -2.29 3.30 15.69
N LYS A 50 -2.08 3.71 16.94
CA LYS A 50 -2.39 2.85 18.08
C LYS A 50 -3.90 2.77 18.28
N GLU A 51 -4.62 3.71 17.68
CA GLU A 51 -6.07 3.65 17.65
C GLU A 51 -6.50 2.55 16.69
N THR A 52 -5.78 2.45 15.56
CA THR A 52 -6.03 1.42 14.55
C THR A 52 -5.70 0.05 15.12
N GLN A 53 -4.59 -0.04 15.84
CA GLN A 53 -4.19 -1.28 16.48
C GLN A 53 -5.19 -1.65 17.57
N GLY A 54 -5.61 -0.66 18.35
CA GLY A 54 -6.59 -0.86 19.39
C GLY A 54 -7.91 -1.35 18.81
N GLU A 55 -8.18 -0.92 17.59
CA GLU A 55 -9.37 -1.36 16.87
C GLU A 55 -9.24 -2.82 16.49
N ILE A 56 -8.14 -3.15 15.83
CA ILE A 56 -7.86 -4.54 15.44
C ILE A 56 -7.92 -5.49 16.63
N GLU A 57 -7.33 -5.07 17.75
CA GLU A 57 -7.30 -5.87 18.97
C GLU A 57 -8.69 -6.01 19.59
N ARG A 58 -9.44 -4.92 19.60
CA ARG A 58 -10.79 -4.91 20.18
C ARG A 58 -11.68 -6.00 19.59
N LEU A 59 -11.55 -6.23 18.29
CA LEU A 59 -12.31 -7.29 17.64
C LEU A 59 -11.45 -8.56 17.43
N GLY A 60 -10.47 -8.74 18.32
CA GLY A 60 -9.73 -9.98 18.41
C GLY A 60 -8.64 -10.25 17.38
N GLY A 61 -8.09 -9.20 16.79
CA GLY A 61 -7.02 -9.36 15.82
C GLY A 61 -5.64 -9.04 16.39
N THR A 62 -4.60 -9.57 15.76
CA THR A 62 -3.23 -9.32 16.18
C THR A 62 -2.61 -8.18 15.38
N ALA A 63 -2.01 -7.20 16.05
CA ALA A 63 -1.46 -6.04 15.38
C ALA A 63 -0.35 -5.33 16.17
N ARG A 64 0.57 -4.71 15.44
CA ARG A 64 1.61 -3.87 16.04
C ARG A 64 1.80 -2.58 15.25
N SER A 65 2.38 -1.57 15.89
CA SER A 65 2.61 -0.28 15.24
C SER A 65 4.11 0.02 15.15
N TYR A 66 4.51 0.73 14.10
CA TYR A 66 5.92 1.08 13.91
C TYR A 66 6.07 2.44 13.23
N ARG A 67 6.49 3.43 14.00
CA ARG A 67 6.79 4.74 13.45
C ARG A 67 8.10 4.67 12.67
N CYS A 68 8.02 4.84 11.35
CA CYS A 68 9.19 4.74 10.50
C CYS A 68 9.19 5.75 9.38
N ASP A 69 10.38 6.24 9.03
CA ASP A 69 10.54 7.11 7.87
C ASP A 69 10.70 6.25 6.62
N VAL A 70 9.67 6.20 5.78
CA VAL A 70 9.69 5.34 4.60
C VAL A 70 10.71 5.84 3.58
N SER A 71 11.15 7.08 3.75
CA SER A 71 12.11 7.70 2.83
C SER A 71 13.56 7.43 3.25
N ASP A 72 13.81 7.25 4.54
CA ASP A 72 15.16 6.91 4.96
C ASP A 72 15.56 5.61 4.27
N ALA A 73 16.81 5.51 3.85
CA ALA A 73 17.25 4.41 3.00
C ALA A 73 17.04 3.07 3.69
N GLU A 74 17.37 2.98 4.92
CA GLU A 74 16.94 1.95 5.84
C GLU A 74 16.93 2.37 7.31
N GLN A 75 16.09 3.27 7.68
CA GLN A 75 15.41 3.27 8.98
C GLN A 75 14.31 2.26 8.75
N VAL A 76 13.97 2.10 7.48
CA VAL A 76 13.05 1.09 7.00
C VAL A 76 13.46 -0.32 7.43
N THR A 77 14.70 -0.72 7.18
CA THR A 77 15.18 -2.06 7.56
C THR A 77 15.03 -2.34 9.06
N ARG A 78 15.42 -1.35 9.86
CA ARG A 78 15.23 -1.43 11.31
C ARG A 78 13.77 -1.77 11.61
N CYS A 79 12.87 -1.00 11.00
CA CYS A 79 11.44 -1.20 11.13
C CYS A 79 10.98 -2.60 10.69
N VAL A 80 11.54 -3.07 9.59
CA VAL A 80 11.10 -4.32 8.97
C VAL A 80 11.53 -5.55 9.78
N LYS A 81 12.77 -5.59 10.27
CA LYS A 81 13.16 -6.74 11.09
C LYS A 81 12.68 -6.56 12.53
N ALA A 82 12.25 -5.36 12.88
CA ALA A 82 11.45 -5.17 14.09
C ALA A 82 10.13 -5.93 13.92
N VAL A 83 9.45 -5.68 12.80
CA VAL A 83 8.23 -6.40 12.44
C VAL A 83 8.44 -7.91 12.44
N THR A 84 9.53 -8.35 11.81
CA THR A 84 9.87 -9.77 11.72
C THR A 84 10.12 -10.36 13.10
N ALA A 85 10.75 -9.58 13.97
CA ALA A 85 11.00 -10.02 15.33
C ALA A 85 9.69 -10.17 16.10
N ASP A 86 8.85 -9.14 16.01
CA ASP A 86 7.56 -9.10 16.72
C ASP A 86 6.46 -10.07 16.27
N LEU A 87 6.23 -10.18 14.97
CA LEU A 87 5.12 -10.97 14.45
C LEU A 87 5.52 -12.14 13.57
N GLY A 88 6.67 -11.99 12.92
CA GLY A 88 7.23 -13.04 12.08
C GLY A 88 7.52 -12.53 10.68
N PRO A 89 8.01 -13.43 9.80
CA PRO A 89 8.36 -13.06 8.42
C PRO A 89 7.14 -12.57 7.63
N VAL A 90 7.36 -11.59 6.75
CA VAL A 90 6.27 -10.99 5.99
C VAL A 90 5.84 -11.82 4.78
N ASP A 91 4.53 -11.99 4.65
CA ASP A 91 3.97 -12.70 3.52
C ASP A 91 3.27 -11.70 2.63
N ILE A 92 2.78 -10.64 3.25
CA ILE A 92 1.99 -9.63 2.56
C ILE A 92 2.57 -8.25 2.82
N LEU A 93 2.86 -7.52 1.74
CA LEU A 93 3.37 -6.16 1.86
C LEU A 93 2.48 -5.18 1.11
N VAL A 94 1.94 -4.21 1.84
CA VAL A 94 1.08 -3.19 1.26
C VAL A 94 1.73 -1.81 1.38
N ASN A 95 2.18 -1.27 0.25
CA ASN A 95 2.78 0.07 0.23
C ASN A 95 1.72 1.15 0.03
N ASN A 96 1.36 1.83 1.12
CA ASN A 96 0.33 2.86 1.07
C ASN A 96 0.85 4.24 1.53
N ALA A 97 2.09 4.28 2.02
CA ALA A 97 2.70 5.55 2.42
C ALA A 97 2.74 6.52 1.24
N GLY A 98 2.27 7.75 1.45
CA GLY A 98 2.27 8.73 0.38
C GLY A 98 1.87 10.14 0.77
N ILE A 99 2.61 11.12 0.28
CA ILE A 99 2.30 12.52 0.52
C ILE A 99 1.73 13.15 -0.74
N ILE A 100 0.70 13.98 -0.58
CA ILE A 100 0.12 14.70 -1.71
C ILE A 100 0.45 16.19 -1.65
N ARG A 101 1.05 16.71 -2.71
CA ARG A 101 1.27 18.15 -2.80
C ARG A 101 1.03 18.67 -4.22
N ASP A 102 -0.21 19.07 -4.46
CA ASP A 102 -0.69 19.48 -5.77
C ASP A 102 -0.12 20.82 -6.23
N GLY A 103 -0.47 21.20 -7.46
CA GLY A 103 -0.03 22.45 -8.03
C GLY A 103 0.42 22.27 -9.47
N LEU A 104 0.25 23.33 -10.27
CA LEU A 104 0.72 23.31 -11.65
C LEU A 104 2.21 23.03 -11.71
N ALA A 105 2.63 22.30 -12.74
CA ALA A 105 4.01 21.80 -12.85
C ALA A 105 5.06 22.89 -12.75
N ALA A 106 4.66 24.15 -12.90
CA ALA A 106 5.60 25.26 -12.76
C ALA A 106 5.63 25.82 -11.34
N SER A 107 4.61 25.51 -10.54
CA SER A 107 4.60 25.93 -9.15
C SER A 107 5.18 24.82 -8.26
N ILE A 108 5.40 23.67 -8.88
CA ILE A 108 5.97 22.53 -8.18
C ILE A 108 7.36 22.89 -7.71
N LYS A 109 7.71 22.40 -6.52
CA LYS A 109 8.97 22.76 -5.89
C LYS A 109 9.71 21.50 -5.48
N ASP A 110 11.02 21.63 -5.27
CA ASP A 110 11.85 20.49 -4.92
C ASP A 110 11.32 19.92 -3.60
N GLU A 111 10.93 20.81 -2.70
CA GLU A 111 10.37 20.36 -1.42
C GLU A 111 9.20 19.42 -1.66
N ASP A 112 8.19 19.95 -2.36
CA ASP A 112 7.02 19.19 -2.77
C ASP A 112 7.43 17.93 -3.53
N TYR A 113 8.21 18.13 -4.59
CA TYR A 113 8.56 17.06 -5.51
C TYR A 113 9.22 15.88 -4.81
N ASP A 114 10.28 16.15 -4.07
CA ASP A 114 11.01 15.10 -3.38
C ASP A 114 10.23 14.50 -2.22
N ALA A 115 9.39 15.31 -1.56
CA ALA A 115 8.51 14.75 -0.53
C ALA A 115 7.60 13.68 -1.13
N VAL A 116 6.88 14.07 -2.18
CA VAL A 116 5.96 13.19 -2.88
C VAL A 116 6.66 11.95 -3.42
N MET A 117 7.81 12.16 -4.05
CA MET A 117 8.52 11.10 -4.76
C MET A 117 9.14 10.09 -3.78
N ASN A 118 9.72 10.59 -2.70
CA ASN A 118 10.31 9.72 -1.68
C ASN A 118 9.28 8.97 -0.86
N THR A 119 8.17 9.62 -0.51
CA THR A 119 7.15 8.94 0.32
C THR A 119 6.30 7.96 -0.49
N ASN A 120 6.03 8.31 -1.75
CA ASN A 120 5.15 7.50 -2.61
C ASN A 120 5.85 6.43 -3.42
N LEU A 121 7.11 6.66 -3.77
CA LEU A 121 7.79 5.75 -4.68
C LEU A 121 8.99 5.08 -4.02
N LYS A 122 9.90 5.90 -3.47
CA LYS A 122 11.10 5.39 -2.82
C LYS A 122 10.78 4.41 -1.70
N GLY A 123 9.77 4.75 -0.90
CA GLY A 123 9.35 3.92 0.22
C GLY A 123 9.08 2.48 -0.21
N ALA A 124 8.33 2.34 -1.29
CA ALA A 124 8.04 1.03 -1.84
C ALA A 124 9.33 0.30 -2.21
N PHE A 125 10.24 0.99 -2.87
CA PHE A 125 11.54 0.43 -3.22
C PHE A 125 12.27 -0.13 -2.00
N LEU A 126 12.31 0.67 -0.93
CA LEU A 126 13.07 0.28 0.25
C LEU A 126 12.41 -0.87 1.01
N PHE A 127 11.09 -0.88 1.10
CA PHE A 127 10.41 -1.96 1.81
C PHE A 127 10.50 -3.26 1.02
N ILE A 128 10.38 -3.15 -0.30
CA ILE A 128 10.51 -4.32 -1.16
C ILE A 128 11.92 -4.88 -1.04
N LYS A 129 12.90 -3.97 -1.02
CA LYS A 129 14.30 -4.33 -0.74
C LYS A 129 14.43 -5.11 0.56
N ALA A 130 13.80 -4.62 1.62
CA ALA A 130 13.87 -5.27 2.92
C ALA A 130 13.25 -6.67 2.94
N CYS A 131 12.08 -6.82 2.34
CA CYS A 131 11.35 -8.09 2.42
C CYS A 131 11.72 -9.10 1.31
N TYR A 132 12.58 -8.68 0.39
CA TYR A 132 12.84 -9.42 -0.86
C TYR A 132 13.43 -10.84 -0.74
N PHE A 133 14.42 -11.05 0.12
CA PHE A 133 14.99 -12.38 0.30
C PHE A 133 14.11 -13.31 1.12
N GLY A 134 13.29 -12.75 2.00
CA GLY A 134 12.31 -13.52 2.73
C GLY A 134 11.26 -14.08 1.79
N PHE A 135 10.64 -13.16 1.05
CA PHE A 135 9.73 -13.56 0.00
C PHE A 135 10.31 -14.72 -0.84
N ILE A 136 11.56 -14.56 -1.30
CA ILE A 136 12.16 -15.55 -2.20
C ILE A 136 12.39 -16.88 -1.50
N ARG A 137 12.97 -16.82 -0.30
CA ARG A 137 13.29 -18.05 0.41
C ARG A 137 11.98 -18.83 0.73
N LYS A 138 10.84 -18.15 0.80
CA LYS A 138 9.54 -18.76 1.18
C LYS A 138 8.72 -19.39 0.02
N ARG A 139 9.05 -19.00 -1.21
CA ARG A 139 8.25 -19.35 -2.40
C ARG A 139 6.80 -18.85 -2.31
N SER A 140 6.54 -17.88 -1.44
CA SER A 140 5.21 -17.29 -1.40
C SER A 140 5.35 -15.79 -1.19
N GLY A 141 4.28 -15.05 -1.46
CA GLY A 141 4.34 -13.63 -1.22
C GLY A 141 3.39 -12.83 -2.09
N SER A 142 2.79 -11.83 -1.49
CA SER A 142 1.92 -10.93 -2.22
C SER A 142 2.25 -9.48 -1.88
N ILE A 143 2.84 -8.78 -2.84
CA ILE A 143 3.13 -7.37 -2.70
C ILE A 143 2.05 -6.53 -3.35
N ILE A 144 1.42 -5.66 -2.57
CA ILE A 144 0.39 -4.78 -3.10
C ILE A 144 0.79 -3.32 -3.00
N ASN A 145 1.04 -2.70 -4.14
CA ASN A 145 1.34 -1.28 -4.21
C ASN A 145 0.08 -0.45 -4.47
N ILE A 146 -0.06 0.65 -3.75
CA ILE A 146 -1.18 1.55 -4.03
C ILE A 146 -0.77 2.48 -5.16
N SER A 147 -1.48 2.38 -6.27
CA SER A 147 -1.24 3.23 -7.44
C SER A 147 -2.52 3.99 -7.73
N SER A 148 -2.41 5.29 -7.92
CA SER A 148 -3.60 6.12 -8.04
C SER A 148 -4.13 6.04 -9.45
N VAL A 149 -5.41 6.32 -9.60
CA VAL A 149 -6.01 6.38 -10.91
C VAL A 149 -5.36 7.53 -11.70
N SER A 150 -4.90 8.55 -10.98
CA SER A 150 -4.13 9.63 -11.60
C SER A 150 -2.76 9.13 -12.03
N GLY A 151 -2.35 7.97 -11.52
CA GLY A 151 -1.12 7.33 -11.95
C GLY A 151 -1.34 6.53 -13.22
N VAL A 152 -2.61 6.31 -13.54
CA VAL A 152 -2.96 5.51 -14.72
C VAL A 152 -3.18 6.37 -15.96
N PHE A 153 -3.98 7.43 -15.83
CA PHE A 153 -4.17 8.34 -16.96
C PHE A 153 -3.71 9.79 -16.71
N GLY A 154 -2.89 10.02 -15.69
CA GLY A 154 -2.45 11.37 -15.35
C GLY A 154 -3.52 12.23 -14.69
N SER A 155 -3.12 13.39 -14.15
CA SER A 155 -4.12 14.41 -13.79
C SER A 155 -3.50 15.80 -13.69
N ALA A 156 -4.24 16.79 -14.18
CA ALA A 156 -3.77 18.16 -14.22
C ALA A 156 -3.48 18.70 -12.82
N GLY A 157 -2.37 19.40 -12.70
CA GLY A 157 -1.97 19.97 -11.42
C GLY A 157 -1.49 18.96 -10.39
N GLN A 158 -1.41 17.70 -10.79
CA GLN A 158 -0.85 16.67 -9.89
C GLN A 158 0.28 15.90 -10.55
N ALA A 159 0.99 16.56 -11.46
CA ALA A 159 2.10 15.95 -12.19
C ALA A 159 3.07 15.23 -11.27
N ASN A 160 3.44 15.87 -10.16
CA ASN A 160 4.34 15.27 -9.16
C ASN A 160 3.84 14.01 -8.41
N TYR A 161 2.59 14.03 -7.96
CA TYR A 161 1.92 12.87 -7.40
C TYR A 161 1.66 11.79 -8.44
N ALA A 162 1.18 12.21 -9.61
CA ALA A 162 0.82 11.27 -10.67
C ALA A 162 2.06 10.54 -11.20
N SER A 163 3.16 11.27 -11.35
CA SER A 163 4.42 10.66 -11.76
C SER A 163 4.86 9.63 -10.74
N ALA A 164 4.75 9.99 -9.46
CA ALA A 164 5.07 9.05 -8.40
C ALA A 164 4.23 7.76 -8.49
N LYS A 165 2.93 7.90 -8.75
CA LYS A 165 2.06 6.73 -8.78
C LYS A 165 2.27 5.87 -10.03
N ALA A 166 2.53 6.52 -11.16
CA ALA A 166 2.82 5.80 -12.39
C ALA A 166 4.12 5.04 -12.25
N GLY A 167 5.11 5.71 -11.64
CA GLY A 167 6.38 5.09 -11.33
C GLY A 167 6.17 3.89 -10.44
N LEU A 168 5.18 3.99 -9.56
CA LEU A 168 4.84 2.87 -8.70
C LEU A 168 4.33 1.68 -9.52
N ILE A 169 3.54 1.98 -10.56
CA ILE A 169 3.05 0.92 -11.44
C ILE A 169 4.20 0.23 -12.19
N GLY A 170 5.17 1.03 -12.66
CA GLY A 170 6.35 0.48 -13.29
C GLY A 170 7.16 -0.41 -12.36
N LEU A 171 7.24 0.01 -11.10
CA LEU A 171 7.90 -0.79 -10.07
C LEU A 171 7.20 -2.13 -9.92
N THR A 172 5.88 -2.07 -9.78
CA THR A 172 5.04 -3.25 -9.63
C THR A 172 5.31 -4.28 -10.72
N LYS A 173 5.29 -3.81 -11.97
CA LYS A 173 5.53 -4.69 -13.10
C LYS A 173 6.92 -5.32 -13.01
N SER A 174 7.93 -4.49 -12.78
CA SER A 174 9.31 -4.98 -12.78
C SER A 174 9.57 -5.99 -11.67
N ILE A 175 9.00 -5.74 -10.50
CA ILE A 175 9.13 -6.66 -9.39
C ILE A 175 8.40 -7.96 -9.71
N ALA A 176 7.20 -7.86 -10.27
CA ALA A 176 6.41 -9.04 -10.59
C ALA A 176 7.22 -9.95 -11.52
N LYS A 177 7.80 -9.38 -12.57
CA LYS A 177 8.65 -10.14 -13.47
C LYS A 177 9.84 -10.70 -12.73
N GLU A 178 10.37 -9.90 -11.81
CA GLU A 178 11.58 -10.25 -11.10
C GLU A 178 11.41 -11.44 -10.13
N LEU A 179 10.21 -11.59 -9.56
CA LEU A 179 10.01 -12.59 -8.52
C LEU A 179 9.07 -13.71 -8.95
N ALA A 180 8.52 -13.61 -10.16
CA ALA A 180 7.48 -14.55 -10.61
C ALA A 180 7.86 -16.03 -10.46
N GLU A 181 9.09 -16.37 -10.79
CA GLU A 181 9.52 -17.77 -10.77
C GLU A 181 9.69 -18.32 -9.36
N ARG A 182 9.69 -17.42 -8.37
CA ARG A 182 9.87 -17.84 -6.99
C ARG A 182 8.51 -17.64 -6.30
N ASN A 183 7.47 -17.62 -7.11
CA ASN A 183 6.06 -17.64 -6.66
C ASN A 183 5.75 -16.46 -5.72
N VAL A 184 6.33 -15.31 -6.02
CA VAL A 184 6.03 -14.10 -5.28
C VAL A 184 5.32 -13.10 -6.20
N ARG A 185 4.08 -12.78 -5.84
CA ARG A 185 3.25 -11.91 -6.65
C ARG A 185 3.40 -10.45 -6.27
N CYS A 186 3.24 -9.58 -7.26
CA CYS A 186 3.25 -8.15 -7.05
C CYS A 186 2.20 -7.50 -7.92
N ASN A 187 1.29 -6.77 -7.31
CA ASN A 187 0.22 -6.13 -8.05
C ASN A 187 -0.03 -4.72 -7.59
N ALA A 188 -0.79 -3.97 -8.39
CA ALA A 188 -1.05 -2.58 -8.06
C ALA A 188 -2.55 -2.32 -7.94
N VAL A 189 -2.89 -1.43 -7.02
CA VAL A 189 -4.27 -1.01 -6.80
C VAL A 189 -4.41 0.47 -7.12
N ALA A 190 -5.38 0.80 -7.96
CA ALA A 190 -5.56 2.19 -8.40
C ALA A 190 -6.92 2.73 -7.98
N PRO A 191 -7.01 3.25 -6.75
CA PRO A 191 -8.27 3.83 -6.28
C PRO A 191 -8.61 5.13 -7.02
N GLY A 192 -9.90 5.40 -7.20
CA GLY A 192 -10.34 6.65 -7.78
C GLY A 192 -10.70 7.65 -6.70
N LEU A 193 -11.89 8.25 -6.83
CA LEU A 193 -12.38 9.20 -5.83
C LEU A 193 -12.92 8.45 -4.61
N ILE A 194 -12.24 8.61 -3.48
CA ILE A 194 -12.60 7.91 -2.27
C ILE A 194 -12.82 8.85 -1.09
N ALA A 195 -14.05 8.91 -0.59
CA ALA A 195 -14.27 9.36 0.77
C ALA A 195 -13.95 8.14 1.62
N THR A 196 -13.40 8.30 2.81
CA THR A 196 -13.44 9.54 3.57
C THR A 196 -12.18 10.37 3.47
N ASP A 197 -12.24 11.50 4.17
CA ASP A 197 -11.18 12.49 4.33
C ASP A 197 -9.77 11.94 4.13
N ARG A 208 -14.78 16.12 -8.68
CA ARG A 208 -16.20 15.92 -8.93
C ARG A 208 -16.48 14.58 -9.62
N LEU A 209 -17.70 14.09 -9.47
CA LEU A 209 -18.09 12.75 -9.90
C LEU A 209 -18.47 12.62 -11.37
N ASP A 210 -18.26 13.67 -12.17
CA ASP A 210 -18.58 13.62 -13.59
C ASP A 210 -17.82 12.54 -14.36
N PRO A 211 -16.47 12.49 -14.20
CA PRO A 211 -15.82 11.39 -14.93
C PRO A 211 -16.01 10.02 -14.25
N VAL A 212 -16.77 9.97 -13.16
CA VAL A 212 -17.06 8.71 -12.48
C VAL A 212 -18.44 8.18 -12.87
N PRO A 213 -18.48 7.16 -13.73
CA PRO A 213 -19.74 6.61 -14.26
C PRO A 213 -20.74 6.20 -13.18
N MET A 214 -20.25 5.75 -12.03
CA MET A 214 -21.12 5.31 -10.95
C MET A 214 -21.71 6.47 -10.17
N ARG A 215 -21.22 7.66 -10.46
CA ARG A 215 -21.75 8.91 -9.91
C ARG A 215 -21.75 8.90 -8.37
N ARG A 216 -20.74 8.28 -7.78
CA ARG A 216 -20.58 8.30 -6.33
C ARG A 216 -19.13 8.12 -5.94
N PHE A 217 -18.76 8.62 -4.76
CA PHE A 217 -17.43 8.35 -4.22
C PHE A 217 -17.34 6.88 -3.83
N GLY A 218 -16.13 6.39 -3.63
CA GLY A 218 -15.94 5.04 -3.14
C GLY A 218 -15.68 5.08 -1.64
N ARG A 219 -15.99 3.98 -0.94
CA ARG A 219 -15.65 3.85 0.47
C ARG A 219 -14.33 3.11 0.60
N PRO A 220 -13.53 3.43 1.64
CA PRO A 220 -12.22 2.80 1.82
C PRO A 220 -12.28 1.28 1.91
N ASP A 221 -13.31 0.74 2.57
CA ASP A 221 -13.40 -0.71 2.74
C ASP A 221 -13.64 -1.43 1.41
N GLU A 222 -14.11 -0.69 0.41
CA GLU A 222 -14.22 -1.23 -0.94
C GLU A 222 -12.83 -1.44 -1.56
N VAL A 223 -11.91 -0.50 -1.32
CA VAL A 223 -10.51 -0.65 -1.73
C VAL A 223 -9.83 -1.76 -0.93
N ALA A 224 -10.19 -1.81 0.35
CA ALA A 224 -9.67 -2.81 1.28
C ALA A 224 -10.02 -4.20 0.80
N GLY A 225 -11.24 -4.36 0.29
CA GLY A 225 -11.65 -5.62 -0.31
C GLY A 225 -10.69 -6.12 -1.38
N LEU A 226 -10.34 -5.24 -2.30
CA LEU A 226 -9.41 -5.56 -3.39
C LEU A 226 -8.02 -5.90 -2.87
N VAL A 227 -7.55 -5.13 -1.90
CA VAL A 227 -6.26 -5.44 -1.27
C VAL A 227 -6.27 -6.83 -0.64
N ALA A 228 -7.35 -7.15 0.05
CA ALA A 228 -7.48 -8.46 0.73
C ALA A 228 -7.49 -9.60 -0.29
N PHE A 229 -8.24 -9.43 -1.37
CA PHE A 229 -8.26 -10.42 -2.44
C PHE A 229 -6.88 -10.62 -3.04
N LEU A 230 -6.18 -9.51 -3.30
CA LEU A 230 -4.84 -9.60 -3.89
C LEU A 230 -3.82 -10.20 -2.92
N ALA A 231 -4.15 -10.18 -1.63
CA ALA A 231 -3.23 -10.67 -0.60
C ALA A 231 -3.39 -12.18 -0.33
N GLY A 232 -4.58 -12.72 -0.59
CA GLY A 232 -4.87 -14.12 -0.32
C GLY A 232 -4.47 -15.08 -1.41
N ASP A 233 -4.98 -16.30 -1.32
CA ASP A 233 -4.63 -17.37 -2.26
C ASP A 233 -5.59 -17.42 -3.44
N GLU A 234 -6.58 -16.53 -3.43
CA GLU A 234 -7.54 -16.46 -4.52
C GLU A 234 -6.96 -15.79 -5.75
N SER A 235 -5.80 -15.14 -5.57
CA SER A 235 -5.16 -14.39 -6.64
C SER A 235 -3.77 -14.94 -6.91
N SER A 236 -3.62 -16.25 -6.69
CA SER A 236 -2.32 -16.92 -6.74
C SER A 236 -1.67 -16.96 -8.13
N TYR A 237 -2.47 -16.73 -9.17
CA TYR A 237 -1.95 -16.74 -10.53
C TYR A 237 -2.03 -15.35 -11.15
N ILE A 238 -2.43 -14.38 -10.32
CA ILE A 238 -2.46 -12.98 -10.73
C ILE A 238 -1.21 -12.27 -10.29
N THR A 239 -0.48 -11.71 -11.25
CA THR A 239 0.70 -10.91 -10.92
C THR A 239 1.01 -9.94 -12.06
N GLY A 240 1.46 -8.74 -11.68
CA GLY A 240 1.83 -7.72 -12.64
C GLY A 240 0.66 -6.91 -13.14
N GLN A 241 -0.46 -7.01 -12.44
CA GLN A 241 -1.69 -6.36 -12.85
C GLN A 241 -1.90 -5.02 -12.15
N VAL A 242 -2.72 -4.19 -12.79
CA VAL A 242 -3.08 -2.88 -12.25
C VAL A 242 -4.58 -2.82 -12.20
N VAL A 243 -5.14 -2.90 -11.00
CA VAL A 243 -6.59 -2.96 -10.89
C VAL A 243 -7.17 -1.70 -10.26
N CYS A 244 -7.98 -0.99 -11.05
CA CYS A 244 -8.66 0.21 -10.59
C CYS A 244 -9.84 -0.08 -9.65
N VAL A 245 -10.04 0.82 -8.69
CA VAL A 245 -11.23 0.81 -7.84
C VAL A 245 -11.77 2.23 -7.86
N ASP A 246 -12.40 2.60 -8.97
CA ASP A 246 -12.63 4.01 -9.30
C ASP A 246 -14.04 4.28 -9.80
N GLY A 247 -14.90 3.26 -9.71
CA GLY A 247 -16.26 3.37 -10.19
C GLY A 247 -16.31 3.45 -11.71
N GLY A 248 -15.24 3.00 -12.36
CA GLY A 248 -15.19 2.99 -13.81
C GLY A 248 -14.45 4.19 -14.38
N MET A 249 -13.97 5.05 -13.49
CA MET A 249 -13.36 6.32 -13.85
C MET A 249 -12.26 6.20 -14.92
N ALA A 250 -11.28 5.33 -14.65
CA ALA A 250 -10.17 5.10 -15.58
C ALA A 250 -10.31 3.80 -16.36
N MET A 251 -11.51 3.47 -16.82
CA MET A 251 -11.67 2.18 -17.48
C MET A 251 -11.06 2.22 -18.88
#